data_3TAV
#
_entry.id   3TAV
#
_cell.length_a   119.640
_cell.length_b   119.640
_cell.length_c   96.190
_cell.angle_alpha   90.000
_cell.angle_beta   90.000
_cell.angle_gamma   120.000
#
_symmetry.space_group_name_H-M   'P 32 2 1'
#
loop_
_entity.id
_entity.type
_entity.pdbx_description
1 polymer 'Methionine aminopeptidase'
2 non-polymer 'MAGNESIUM ION'
3 non-polymer 'SODIUM ION'
4 non-polymer 'CHLORIDE ION'
5 non-polymer D-MALATE
6 non-polymer '(2S)-2-hydroxybutanedioic acid'
7 water water
#
_entity_poly.entity_id   1
_entity_poly.type   'polypeptide(L)'
_entity_poly.pdbx_seq_one_letter_code
;MAHHHHHHMGTLEAQTQGPGSMVGLFGRKKTVEQRTPGELDAMAAAGSIVGAALVAVRDAAKAGVSTLELDQVAESVIRE
AGAVPSFLGYHGFPASICSSVNDQVVHGIPSATAVLADGDLVSIDCGAILDGWHGDSAWTFAVGTVIPSDEALSEATRLS
MEAGIAAMIPGNRLTDVSHAIELGTRAAEKQFDRAFGIVDGYGGHGIGRSMHLDPFLPNEGAPGKGPLLAVGSVLAIEPM
LTLGTTQTRVLADDWTVVTTDGSRAAHWEHTVAVTEAGPRILTMRP
;
_entity_poly.pdbx_strand_id   A,B
#
# COMPACT_ATOMS: atom_id res chain seq x y z
N VAL A 23 35.83 -0.79 18.49
CA VAL A 23 34.85 -1.33 17.50
C VAL A 23 34.27 -0.15 16.73
N GLY A 24 33.95 -0.36 15.44
CA GLY A 24 33.37 0.70 14.59
C GLY A 24 31.88 0.80 14.89
N LEU A 25 31.34 2.02 14.98
CA LEU A 25 29.91 2.18 15.29
C LEU A 25 29.04 1.57 14.19
N PHE A 26 29.50 1.67 12.95
CA PHE A 26 28.77 1.25 11.82
C PHE A 26 29.25 -0.08 11.23
N GLY A 27 29.96 -0.90 11.98
CA GLY A 27 30.39 -2.18 11.42
C GLY A 27 31.69 -2.11 10.64
N ARG A 28 32.05 -3.23 10.01
CA ARG A 28 33.39 -3.44 9.48
C ARG A 28 33.51 -3.18 8.02
N LYS A 29 32.40 -3.35 7.29
CA LYS A 29 32.43 -3.37 5.83
C LYS A 29 32.44 -1.96 5.24
N LYS A 30 33.26 -1.74 4.20
CA LYS A 30 33.26 -0.46 3.48
C LYS A 30 31.96 -0.19 2.69
N THR A 31 31.24 -1.24 2.30
CA THR A 31 29.98 -1.10 1.57
C THR A 31 28.89 -1.92 2.23
N VAL A 32 27.70 -1.36 2.32
CA VAL A 32 26.57 -2.07 2.86
C VAL A 32 26.36 -3.29 1.93
N GLU A 33 26.39 -4.49 2.50
CA GLU A 33 26.37 -5.76 1.76
C GLU A 33 25.36 -5.76 0.60
N GLN A 34 25.84 -6.11 -0.59
CA GLN A 34 25.05 -6.04 -1.79
C GLN A 34 24.35 -7.33 -2.08
N ARG A 35 23.02 -7.27 -2.18
CA ARG A 35 22.25 -8.44 -2.58
C ARG A 35 22.22 -8.54 -4.09
N THR A 36 22.14 -9.77 -4.60
CA THR A 36 21.88 -9.99 -6.03
C THR A 36 20.41 -9.76 -6.34
N PRO A 37 20.06 -9.62 -7.66
CA PRO A 37 18.68 -9.53 -8.05
C PRO A 37 17.80 -10.68 -7.52
N GLY A 38 18.27 -11.91 -7.56
CA GLY A 38 17.44 -13.03 -7.03
C GLY A 38 17.22 -12.94 -5.53
N GLU A 39 18.26 -12.52 -4.82
CA GLU A 39 18.19 -12.31 -3.38
C GLU A 39 17.18 -11.21 -3.02
N LEU A 40 17.16 -10.13 -3.80
CA LEU A 40 16.21 -9.06 -3.60
C LEU A 40 14.75 -9.52 -3.84
N ASP A 41 14.50 -10.28 -4.91
CA ASP A 41 13.20 -10.90 -5.10
C ASP A 41 12.84 -11.78 -3.91
N ALA A 42 13.77 -12.61 -3.41
CA ALA A 42 13.49 -13.46 -2.27
C ALA A 42 13.12 -12.62 -1.02
N MET A 43 13.89 -11.54 -0.76
CA MET A 43 13.55 -10.60 0.33
C MET A 43 12.21 -9.89 0.12
N ALA A 44 11.93 -9.51 -1.14
CA ALA A 44 10.63 -8.89 -1.45
C ALA A 44 9.48 -9.89 -1.21
N ALA A 45 9.66 -11.17 -1.55
CA ALA A 45 8.59 -12.17 -1.21
C ALA A 45 8.36 -12.29 0.33
N ALA A 46 9.42 -12.26 1.12
CA ALA A 46 9.24 -12.18 2.57
C ALA A 46 8.52 -10.86 2.93
N GLY A 47 8.93 -9.76 2.28
CA GLY A 47 8.37 -8.45 2.64
C GLY A 47 6.90 -8.25 2.27
N SER A 48 6.45 -8.87 1.16
CA SER A 48 5.03 -8.78 0.82
C SER A 48 4.17 -9.44 1.90
N ILE A 49 4.74 -10.45 2.55
CA ILE A 49 3.98 -11.12 3.60
C ILE A 49 3.81 -10.16 4.80
N VAL A 50 4.89 -9.50 5.19
CA VAL A 50 4.82 -8.48 6.26
C VAL A 50 3.76 -7.46 5.86
N GLY A 51 3.84 -6.99 4.60
CA GLY A 51 2.87 -6.05 4.03
C GLY A 51 1.43 -6.51 4.20
N ALA A 52 1.16 -7.73 3.74
CA ALA A 52 -0.15 -8.34 3.95
C ALA A 52 -0.58 -8.42 5.43
N ALA A 53 0.37 -8.75 6.32
CA ALA A 53 0.09 -8.77 7.76
C ALA A 53 -0.31 -7.38 8.27
N LEU A 54 0.41 -6.34 7.87
CA LEU A 54 0.11 -4.97 8.34
C LEU A 54 -1.30 -4.52 7.92
N VAL A 55 -1.67 -4.85 6.68
CA VAL A 55 -2.99 -4.50 6.14
C VAL A 55 -4.11 -5.23 6.92
N ALA A 56 -3.92 -6.50 7.20
CA ALA A 56 -4.92 -7.27 7.92
C ALA A 56 -5.10 -6.76 9.35
N VAL A 57 -3.97 -6.45 10.01
CA VAL A 57 -4.02 -5.92 11.36
C VAL A 57 -4.78 -4.57 11.37
N ARG A 58 -4.45 -3.67 10.43
CA ARG A 58 -5.07 -2.35 10.36
C ARG A 58 -6.59 -2.48 10.15
N ASP A 59 -7.04 -3.40 9.31
CA ASP A 59 -8.49 -3.63 9.13
C ASP A 59 -9.13 -4.10 10.44
N ALA A 60 -8.43 -4.95 11.20
CA ALA A 60 -8.99 -5.54 12.41
C ALA A 60 -9.00 -4.56 13.58
N ALA A 61 -8.23 -3.50 13.47
CA ALA A 61 -7.94 -2.60 14.59
C ALA A 61 -9.04 -1.56 14.92
N LYS A 62 -10.24 -2.01 15.24
CA LYS A 62 -11.39 -1.11 15.58
C LYS A 62 -11.50 -0.84 17.08
N ALA A 63 -12.32 0.14 17.44
CA ALA A 63 -12.54 0.47 18.83
C ALA A 63 -13.03 -0.80 19.54
N GLY A 64 -12.46 -1.12 20.68
CA GLY A 64 -12.92 -2.32 21.41
C GLY A 64 -12.18 -3.62 21.12
N VAL A 65 -11.32 -3.62 20.12
CA VAL A 65 -10.45 -4.77 19.85
C VAL A 65 -9.16 -4.66 20.70
N SER A 66 -8.70 -5.78 21.26
CA SER A 66 -7.43 -5.80 21.98
C SER A 66 -6.23 -5.98 21.05
N THR A 67 -5.07 -5.53 21.50
CA THR A 67 -3.85 -5.72 20.73
C THR A 67 -3.46 -7.21 20.60
N LEU A 68 -3.87 -8.06 21.56
CA LEU A 68 -3.64 -9.51 21.43
C LEU A 68 -4.43 -10.09 20.24
N GLU A 69 -5.66 -9.62 20.02
CA GLU A 69 -6.45 -10.06 18.86
C GLU A 69 -5.72 -9.66 17.58
N LEU A 70 -5.12 -8.48 17.57
CA LEU A 70 -4.31 -8.03 16.43
C LEU A 70 -3.12 -8.95 16.16
N ASP A 71 -2.48 -9.40 17.24
CA ASP A 71 -1.34 -10.29 17.16
C ASP A 71 -1.73 -11.59 16.45
N GLN A 72 -2.84 -12.17 16.88
CA GLN A 72 -3.38 -13.40 16.30
C GLN A 72 -3.67 -13.23 14.82
N VAL A 73 -4.20 -12.07 14.44
CA VAL A 73 -4.47 -11.76 13.05
C VAL A 73 -3.17 -11.74 12.29
N ALA A 74 -2.17 -11.01 12.80
CA ALA A 74 -0.88 -10.91 12.07
C ALA A 74 -0.23 -12.30 11.92
N GLU A 75 -0.18 -13.04 13.02
CA GLU A 75 0.41 -14.39 13.03
C GLU A 75 -0.20 -15.36 12.02
N SER A 76 -1.54 -15.48 11.97
CA SER A 76 -2.23 -16.26 10.93
C SER A 76 -1.80 -15.90 9.53
N VAL A 77 -1.81 -14.61 9.21
CA VAL A 77 -1.48 -14.15 7.85
C VAL A 77 -0.07 -14.63 7.52
N ILE A 78 0.85 -14.43 8.48
CA ILE A 78 2.26 -14.82 8.28
C ILE A 78 2.39 -16.33 8.00
N ARG A 79 1.79 -17.14 8.87
CA ARG A 79 1.86 -18.62 8.71
C ARG A 79 1.11 -19.14 7.50
N GLU A 80 -0.12 -18.68 7.27
CA GLU A 80 -0.89 -19.18 6.14
C GLU A 80 -0.12 -18.90 4.82
N ALA A 81 0.74 -17.88 4.81
CA ALA A 81 1.54 -17.59 3.60
C ALA A 81 2.85 -18.40 3.54
N GLY A 82 3.10 -19.21 4.57
CA GLY A 82 4.25 -20.11 4.60
C GLY A 82 5.48 -19.52 5.24
N ALA A 83 5.34 -18.37 5.91
CA ALA A 83 6.48 -17.67 6.50
C ALA A 83 6.49 -17.91 8.02
N VAL A 84 7.51 -17.44 8.71
CA VAL A 84 7.43 -17.45 10.17
C VAL A 84 7.57 -16.03 10.70
N PRO A 85 6.91 -15.75 11.82
CA PRO A 85 7.03 -14.38 12.32
C PRO A 85 8.41 -14.23 12.97
N SER A 86 9.22 -13.31 12.49
CA SER A 86 10.59 -13.14 13.02
C SER A 86 10.63 -12.54 14.43
N PHE A 87 9.57 -11.88 14.87
CA PHE A 87 9.60 -11.26 16.20
C PHE A 87 9.37 -12.33 17.31
N LEU A 88 8.71 -13.43 16.94
CA LEU A 88 8.23 -14.40 17.91
C LEU A 88 9.39 -15.16 18.58
N GLY A 89 9.61 -14.88 19.86
CA GLY A 89 10.69 -15.53 20.64
C GLY A 89 12.04 -14.83 20.44
N TYR A 90 12.03 -13.70 19.73
CA TYR A 90 13.23 -12.94 19.39
C TYR A 90 13.82 -12.27 20.66
N HIS A 91 14.95 -12.77 21.16
CA HIS A 91 15.46 -12.38 22.48
C HIS A 91 14.37 -12.40 23.50
N GLY A 92 13.54 -13.42 23.44
CA GLY A 92 12.44 -13.53 24.40
C GLY A 92 11.16 -12.74 24.14
N PHE A 93 11.07 -11.99 23.04
CA PHE A 93 9.84 -11.26 22.73
C PHE A 93 8.63 -12.22 22.57
N PRO A 94 7.46 -11.92 23.19
CA PRO A 94 6.39 -12.94 23.25
C PRO A 94 5.38 -12.96 22.11
N ALA A 95 5.50 -12.05 21.15
CA ALA A 95 4.45 -11.94 20.12
C ALA A 95 5.03 -11.82 18.69
N SER A 96 4.14 -11.78 17.70
CA SER A 96 4.50 -11.66 16.27
C SER A 96 4.54 -10.21 15.75
N ILE A 97 3.96 -9.29 16.52
CA ILE A 97 4.02 -7.85 16.25
C ILE A 97 4.36 -7.09 17.53
N CYS A 98 4.85 -5.85 17.39
CA CYS A 98 4.77 -4.88 18.46
C CYS A 98 3.56 -3.99 18.17
N SER A 99 2.79 -3.68 19.21
CA SER A 99 1.60 -2.89 19.08
C SER A 99 1.78 -1.81 20.17
N SER A 100 2.18 -0.63 19.72
CA SER A 100 2.57 0.48 20.59
C SER A 100 1.54 1.57 20.38
N VAL A 101 0.93 1.99 21.49
CA VAL A 101 -0.27 2.86 21.40
C VAL A 101 0.01 4.23 22.03
N ASN A 102 -0.29 5.31 21.30
CA ASN A 102 -0.14 6.69 21.83
C ASN A 102 1.27 7.12 22.23
N ASP A 103 1.55 7.31 23.52
CA ASP A 103 2.90 7.70 23.98
C ASP A 103 3.89 6.54 23.97
N GLN A 104 3.40 5.32 23.73
CA GLN A 104 4.29 4.18 23.50
C GLN A 104 4.94 4.32 22.11
N VAL A 105 6.25 4.13 22.02
CA VAL A 105 6.98 4.42 20.80
C VAL A 105 7.17 3.14 20.00
N VAL A 106 7.92 2.18 20.57
CA VAL A 106 8.16 0.89 19.94
C VAL A 106 8.10 -0.23 21.00
N HIS A 107 8.07 -1.47 20.51
CA HIS A 107 8.14 -2.69 21.33
C HIS A 107 6.99 -2.95 22.29
N GLY A 108 5.86 -2.26 22.10
CA GLY A 108 4.62 -2.55 22.84
C GLY A 108 4.27 -4.02 22.75
N ILE A 109 3.94 -4.64 23.88
CA ILE A 109 3.63 -6.08 23.91
C ILE A 109 2.11 -6.31 23.69
N PRO A 110 1.72 -7.07 22.65
CA PRO A 110 0.29 -7.33 22.51
C PRO A 110 -0.30 -7.98 23.77
N SER A 111 -1.54 -7.62 24.12
CA SER A 111 -2.17 -8.18 25.32
C SER A 111 -3.69 -8.05 25.29
N ALA A 112 -4.34 -8.99 25.97
CA ALA A 112 -5.81 -9.04 26.10
C ALA A 112 -6.43 -7.83 26.82
N THR A 113 -5.60 -7.08 27.54
CA THR A 113 -6.09 -5.94 28.30
C THR A 113 -5.75 -4.58 27.70
N ALA A 114 -5.04 -4.57 26.58
CA ALA A 114 -4.81 -3.31 25.83
C ALA A 114 -5.87 -3.14 24.77
N VAL A 115 -6.96 -2.51 25.16
CA VAL A 115 -8.14 -2.43 24.31
C VAL A 115 -8.15 -1.07 23.61
N LEU A 116 -8.22 -1.09 22.29
CA LEU A 116 -8.21 0.14 21.49
C LEU A 116 -9.47 0.99 21.71
N ALA A 117 -9.28 2.28 21.82
CA ALA A 117 -10.38 3.21 21.96
C ALA A 117 -10.33 4.25 20.85
N ASP A 118 -11.49 4.86 20.57
CA ASP A 118 -11.59 5.93 19.59
C ASP A 118 -10.60 7.03 19.93
N GLY A 119 -9.90 7.55 18.91
CA GLY A 119 -8.89 8.57 19.15
C GLY A 119 -7.47 8.06 19.41
N ASP A 120 -7.31 6.75 19.57
CA ASP A 120 -5.97 6.17 19.76
C ASP A 120 -5.09 6.29 18.51
N LEU A 121 -3.81 6.48 18.73
CA LEU A 121 -2.80 6.41 17.69
C LEU A 121 -2.05 5.10 17.87
N VAL A 122 -2.10 4.25 16.84
CA VAL A 122 -1.58 2.90 16.92
C VAL A 122 -0.43 2.70 15.90
N SER A 123 0.71 2.27 16.42
CA SER A 123 1.83 1.81 15.59
C SER A 123 1.94 0.30 15.68
N ILE A 124 1.95 -0.33 14.50
CA ILE A 124 2.14 -1.75 14.37
C ILE A 124 3.47 -2.00 13.66
N ASP A 125 4.29 -2.86 14.25
CA ASP A 125 5.62 -3.23 13.75
C ASP A 125 5.62 -4.75 13.55
N CYS A 126 6.13 -5.22 12.42
CA CYS A 126 6.02 -6.64 12.08
C CYS A 126 7.21 -7.15 11.24
N GLY A 127 7.57 -8.42 11.39
CA GLY A 127 8.65 -8.96 10.62
C GLY A 127 8.32 -10.36 10.21
N ALA A 128 8.88 -10.83 9.11
CA ALA A 128 8.64 -12.22 8.73
C ALA A 128 9.85 -12.81 8.07
N ILE A 129 9.96 -14.13 8.12
CA ILE A 129 11.06 -14.82 7.47
C ILE A 129 10.46 -15.81 6.50
N LEU A 130 10.92 -15.79 5.26
CA LEU A 130 10.49 -16.77 4.25
C LEU A 130 11.75 -17.31 3.54
N ASP A 131 11.97 -18.63 3.64
CA ASP A 131 13.15 -19.24 3.04
C ASP A 131 14.44 -18.60 3.54
N GLY A 132 14.47 -18.21 4.81
CA GLY A 132 15.72 -17.65 5.39
C GLY A 132 15.95 -16.15 5.19
N TRP A 133 15.03 -15.49 4.47
CA TRP A 133 15.13 -14.06 4.21
C TRP A 133 14.13 -13.24 5.02
N HIS A 134 14.58 -12.11 5.55
CA HIS A 134 13.77 -11.22 6.37
C HIS A 134 13.13 -10.05 5.66
N GLY A 135 11.93 -9.69 6.12
CA GLY A 135 11.33 -8.39 5.82
C GLY A 135 10.94 -7.71 7.15
N ASP A 136 11.00 -6.38 7.23
CA ASP A 136 10.64 -5.67 8.49
C ASP A 136 9.95 -4.36 8.07
N SER A 137 8.75 -4.10 8.60
CA SER A 137 8.00 -2.92 8.22
C SER A 137 7.13 -2.50 9.37
N ALA A 138 6.69 -1.25 9.36
CA ALA A 138 5.82 -0.71 10.41
C ALA A 138 5.07 0.45 9.82
N TRP A 139 3.91 0.75 10.42
CA TRP A 139 3.19 2.02 10.15
C TRP A 139 2.33 2.41 11.33
N THR A 140 1.80 3.64 11.28
CA THR A 140 1.01 4.24 12.33
C THR A 140 -0.31 4.70 11.69
N PHE A 141 -1.44 4.41 12.34
CA PHE A 141 -2.76 4.87 11.90
C PHE A 141 -3.62 5.21 13.12
N ALA A 142 -4.75 5.87 12.90
CA ALA A 142 -5.63 6.28 14.00
C ALA A 142 -6.79 5.31 14.15
N VAL A 143 -7.23 5.10 15.37
CA VAL A 143 -8.49 4.42 15.62
C VAL A 143 -9.61 5.47 15.70
N GLY A 144 -10.67 5.27 14.94
CA GLY A 144 -11.78 6.22 14.92
C GLY A 144 -11.35 7.51 14.22
N THR A 145 -11.71 8.64 14.82
CA THR A 145 -11.33 9.91 14.22
C THR A 145 -10.09 10.48 14.93
N VAL A 146 -9.08 10.74 14.11
CA VAL A 146 -7.76 11.19 14.54
C VAL A 146 -7.77 12.61 15.08
N ILE A 147 -7.06 12.83 16.18
CA ILE A 147 -6.73 14.17 16.69
C ILE A 147 -5.84 14.89 15.65
N PRO A 148 -6.09 16.18 15.36
CA PRO A 148 -5.23 16.83 14.37
C PRO A 148 -3.70 16.81 14.62
N SER A 149 -3.26 16.97 15.86
CA SER A 149 -1.84 16.91 16.15
C SER A 149 -1.28 15.51 15.82
N ASP A 150 -2.07 14.47 16.07
CA ASP A 150 -1.68 13.09 15.81
C ASP A 150 -1.55 12.81 14.33
N GLU A 151 -2.49 13.34 13.54
CA GLU A 151 -2.47 13.18 12.10
C GLU A 151 -1.22 13.80 11.51
N ALA A 152 -0.86 15.00 11.98
CA ALA A 152 0.35 15.66 11.54
C ALA A 152 1.58 14.84 11.98
N LEU A 153 1.58 14.34 13.21
CA LEU A 153 2.71 13.52 13.72
C LEU A 153 3.01 12.29 12.81
N SER A 154 1.97 11.50 12.53
CA SER A 154 2.11 10.28 11.75
C SER A 154 2.54 10.61 10.32
N GLU A 155 1.86 11.58 9.70
CA GLU A 155 2.24 12.00 8.35
C GLU A 155 3.68 12.56 8.25
N ALA A 156 4.11 13.36 9.23
CA ALA A 156 5.51 13.81 9.31
C ALA A 156 6.52 12.64 9.40
N THR A 157 6.14 11.61 10.14
CA THR A 157 6.98 10.42 10.31
C THR A 157 7.06 9.69 8.97
N ARG A 158 5.93 9.56 8.30
CA ARG A 158 5.90 8.89 7.01
C ARG A 158 6.73 9.65 5.97
N LEU A 159 6.63 10.98 6.00
CA LEU A 159 7.38 11.81 5.06
C LEU A 159 8.86 11.70 5.35
N SER A 160 9.22 11.60 6.63
CA SER A 160 10.61 11.47 6.96
C SER A 160 11.17 10.15 6.35
N MET A 161 10.37 9.08 6.44
CA MET A 161 10.72 7.77 5.84
C MET A 161 10.91 7.90 4.34
N GLU A 162 9.93 8.49 3.66
CA GLU A 162 10.01 8.70 2.21
C GLU A 162 11.25 9.51 1.86
N ALA A 163 11.57 10.50 2.69
CA ALA A 163 12.77 11.31 2.47
C ALA A 163 14.03 10.44 2.58
N GLY A 164 14.03 9.50 3.54
CA GLY A 164 15.18 8.63 3.68
C GLY A 164 15.29 7.69 2.48
N ILE A 165 14.13 7.17 2.05
CA ILE A 165 14.08 6.22 0.94
C ILE A 165 14.64 6.88 -0.31
N ALA A 166 14.25 8.14 -0.56
CA ALA A 166 14.77 8.83 -1.75
C ALA A 166 16.31 8.98 -1.70
N ALA A 167 16.92 8.89 -0.51
CA ALA A 167 18.40 8.97 -0.44
C ALA A 167 19.11 7.63 -0.65
N MET A 168 18.35 6.57 -0.93
CA MET A 168 18.94 5.25 -1.17
C MET A 168 19.37 5.14 -2.62
N ILE A 169 20.52 5.75 -2.93
CA ILE A 169 21.07 5.74 -4.29
C ILE A 169 22.53 5.27 -4.31
N PRO A 170 22.97 4.60 -5.40
CA PRO A 170 24.35 4.09 -5.44
C PRO A 170 25.36 5.21 -5.21
N GLY A 171 26.41 4.95 -4.43
CA GLY A 171 27.36 6.01 -4.14
C GLY A 171 27.07 6.96 -2.99
N ASN A 172 25.84 7.05 -2.48
CA ASN A 172 25.60 7.79 -1.23
C ASN A 172 26.27 7.03 -0.11
N ARG A 173 26.46 7.69 1.04
CA ARG A 173 26.94 6.98 2.25
C ARG A 173 25.80 6.89 3.27
N LEU A 174 25.97 5.98 4.22
CA LEU A 174 24.93 5.69 5.19
C LEU A 174 24.26 6.94 5.77
N THR A 175 25.04 7.89 6.26
CA THR A 175 24.44 9.05 6.98
C THR A 175 23.88 10.12 6.05
N ASP A 176 24.09 9.97 4.72
CA ASP A 176 23.29 10.75 3.78
C ASP A 176 21.82 10.36 3.94
N VAL A 177 21.56 9.08 4.23
CA VAL A 177 20.19 8.63 4.44
C VAL A 177 19.71 9.22 5.79
N SER A 178 20.53 9.14 6.84
CA SER A 178 20.18 9.75 8.14
C SER A 178 19.84 11.24 7.99
N HIS A 179 20.74 11.97 7.32
CA HIS A 179 20.57 13.39 7.10
C HIS A 179 19.36 13.72 6.26
N ALA A 180 19.09 12.92 5.21
CA ALA A 180 17.84 13.12 4.45
C ALA A 180 16.59 12.90 5.30
N ILE A 181 16.62 11.91 6.19
CA ILE A 181 15.47 11.65 7.08
C ILE A 181 15.21 12.90 7.97
N GLU A 182 16.27 13.37 8.61
CA GLU A 182 16.25 14.54 9.47
C GLU A 182 15.76 15.77 8.71
N LEU A 183 16.30 16.02 7.52
CA LEU A 183 15.79 17.13 6.70
C LEU A 183 14.31 16.95 6.36
N GLY A 184 13.87 15.71 6.13
CA GLY A 184 12.46 15.47 5.90
C GLY A 184 11.66 15.81 7.14
N THR A 185 12.21 15.53 8.33
CA THR A 185 11.50 15.85 9.55
C THR A 185 11.31 17.39 9.69
N ARG A 186 12.41 18.15 9.48
CA ARG A 186 12.32 19.60 9.58
CA ARG A 186 12.38 19.61 9.54
C ARG A 186 11.40 20.23 8.53
N ALA A 187 11.39 19.72 7.31
CA ALA A 187 10.41 20.23 6.32
C ALA A 187 8.97 19.96 6.75
N ALA A 188 8.72 18.80 7.36
CA ALA A 188 7.38 18.48 7.78
C ALA A 188 6.97 19.35 8.97
N GLU A 189 7.95 19.79 9.74
CA GLU A 189 7.72 20.77 10.78
C GLU A 189 7.16 22.06 10.16
N LYS A 190 7.88 22.60 9.17
CA LYS A 190 7.44 23.80 8.47
C LYS A 190 6.07 23.56 7.82
N GLN A 191 5.85 22.40 7.21
CA GLN A 191 4.56 22.06 6.60
C GLN A 191 3.37 22.02 7.54
N PHE A 192 3.59 21.61 8.80
CA PHE A 192 2.48 21.46 9.76
C PHE A 192 2.49 22.51 10.88
N ASP A 193 3.46 23.40 10.86
CA ASP A 193 3.66 24.42 11.91
C ASP A 193 3.68 23.79 13.32
N ARG A 194 4.57 22.81 13.48
CA ARG A 194 4.61 21.95 14.64
C ARG A 194 6.06 21.49 14.84
N ALA A 195 6.49 21.43 16.10
CA ALA A 195 7.80 20.88 16.43
C ALA A 195 7.70 19.36 16.67
N PHE A 196 8.62 18.62 16.09
CA PHE A 196 8.62 17.17 16.24
C PHE A 196 9.90 16.77 16.91
N GLY A 197 9.78 15.84 17.86
CA GLY A 197 10.95 15.30 18.53
C GLY A 197 11.44 14.07 17.79
N ILE A 198 12.70 14.08 17.39
CA ILE A 198 13.31 12.90 16.77
C ILE A 198 13.75 11.98 17.89
N VAL A 199 13.15 10.79 17.94
CA VAL A 199 13.44 9.85 19.02
C VAL A 199 14.96 9.60 19.13
N ASP A 200 15.51 9.79 20.33
CA ASP A 200 16.93 9.65 20.58
C ASP A 200 17.24 8.18 20.91
N GLY A 201 18.29 7.63 20.33
CA GLY A 201 18.77 6.30 20.71
C GLY A 201 18.12 5.10 20.00
N TYR A 202 17.32 5.33 18.96
CA TYR A 202 16.72 4.23 18.19
C TYR A 202 16.85 4.57 16.71
N GLY A 203 16.91 3.56 15.85
CA GLY A 203 17.03 3.80 14.39
C GLY A 203 16.86 2.54 13.55
N GLY A 204 17.18 2.66 12.26
CA GLY A 204 17.18 1.53 11.34
C GLY A 204 18.42 0.66 11.37
N HIS A 205 18.52 -0.25 10.40
CA HIS A 205 19.56 -1.28 10.47
C HIS A 205 19.66 -2.03 9.18
N GLY A 206 20.78 -2.71 8.95
CA GLY A 206 20.87 -3.65 7.86
C GLY A 206 20.00 -4.86 8.19
N ILE A 207 19.70 -5.65 7.16
CA ILE A 207 18.74 -6.76 7.27
C ILE A 207 18.96 -7.65 6.05
N GLY A 208 18.81 -8.97 6.20
CA GLY A 208 18.98 -9.89 5.09
C GLY A 208 18.62 -11.28 5.57
N ARG A 209 19.65 -12.07 5.88
CA ARG A 209 19.51 -13.41 6.48
C ARG A 209 19.25 -13.36 8.02
N SER A 210 19.41 -12.17 8.60
CA SER A 210 18.94 -11.94 9.98
C SER A 210 18.16 -10.63 9.98
N MET A 211 17.36 -10.42 11.03
CA MET A 211 16.55 -9.21 11.16
C MET A 211 17.39 -7.96 11.39
N HIS A 212 18.39 -8.06 12.28
CA HIS A 212 19.21 -6.89 12.65
C HIS A 212 20.64 -7.11 12.26
N LEU A 213 21.14 -6.36 11.30
CA LEU A 213 22.56 -6.45 10.97
C LEU A 213 23.21 -5.03 10.98
N ASP A 214 24.55 -4.93 11.16
CA ASP A 214 25.26 -3.68 10.89
C ASP A 214 24.99 -3.27 9.42
N PRO A 215 24.93 -1.96 9.12
CA PRO A 215 25.09 -0.83 10.03
C PRO A 215 23.80 -0.42 10.71
N PHE A 216 23.91 0.04 11.95
CA PHE A 216 22.83 0.83 12.55
C PHE A 216 22.62 2.11 11.69
N LEU A 217 21.34 2.47 11.41
CA LEU A 217 20.99 3.65 10.59
C LEU A 217 20.36 4.76 11.46
N PRO A 218 21.11 5.85 11.75
CA PRO A 218 20.48 6.93 12.53
C PRO A 218 19.39 7.69 11.77
N ASN A 219 18.44 8.28 12.49
CA ASN A 219 17.37 9.06 11.87
C ASN A 219 17.74 10.55 11.83
N GLU A 220 19.01 10.86 12.12
CA GLU A 220 19.54 12.23 12.13
C GLU A 220 21.05 12.21 12.17
N GLY A 221 21.69 13.31 11.80
CA GLY A 221 23.18 13.39 11.84
C GLY A 221 23.72 14.05 10.57
N ALA A 222 24.99 14.42 10.64
CA ALA A 222 25.73 15.06 9.56
C ALA A 222 25.80 14.10 8.38
N PRO A 223 25.67 14.60 7.14
CA PRO A 223 25.75 13.72 5.96
C PRO A 223 27.16 13.13 5.72
N GLY A 224 27.30 12.22 4.74
CA GLY A 224 28.63 11.70 4.31
C GLY A 224 29.48 10.78 5.19
N LYS A 225 28.89 10.09 6.16
CA LYS A 225 29.70 9.17 6.99
C LYS A 225 29.18 7.73 6.92
N GLY A 226 29.93 6.79 7.48
CA GLY A 226 29.59 5.38 7.50
C GLY A 226 29.73 4.73 6.13
N PRO A 227 29.34 3.45 6.00
CA PRO A 227 29.69 2.73 4.78
C PRO A 227 28.98 3.30 3.55
N LEU A 228 29.54 3.02 2.39
CA LEU A 228 28.87 3.36 1.12
C LEU A 228 27.65 2.50 0.83
N LEU A 229 26.68 3.09 0.12
CA LEU A 229 25.62 2.33 -0.53
C LEU A 229 25.95 1.98 -1.98
N ALA A 230 25.57 0.79 -2.41
CA ALA A 230 25.70 0.44 -3.81
C ALA A 230 24.49 -0.40 -4.25
N VAL A 231 24.43 -0.72 -5.54
CA VAL A 231 23.28 -1.46 -6.09
C VAL A 231 23.18 -2.78 -5.32
N GLY A 232 22.00 -3.06 -4.80
CA GLY A 232 21.80 -4.25 -3.98
C GLY A 232 21.85 -4.05 -2.47
N SER A 233 22.38 -2.92 -2.03
CA SER A 233 22.48 -2.65 -0.60
C SER A 233 21.08 -2.49 -0.06
N VAL A 234 20.80 -3.09 1.08
CA VAL A 234 19.45 -2.98 1.68
C VAL A 234 19.54 -2.41 3.08
N LEU A 235 18.59 -1.54 3.44
CA LEU A 235 18.46 -1.12 4.84
C LEU A 235 16.99 -1.04 5.24
N ALA A 236 16.74 -1.26 6.53
CA ALA A 236 15.42 -0.98 7.12
C ALA A 236 15.45 0.46 7.58
N ILE A 237 14.55 1.27 7.01
CA ILE A 237 14.50 2.69 7.25
C ILE A 237 13.30 2.98 8.14
N GLU A 238 13.55 3.51 9.33
CA GLU A 238 12.48 3.63 10.33
C GLU A 238 12.54 4.85 11.27
N PRO A 239 12.06 5.99 10.76
CA PRO A 239 11.93 7.21 11.57
C PRO A 239 10.94 7.01 12.69
N MET A 240 11.22 7.67 13.81
CA MET A 240 10.32 7.68 14.97
C MET A 240 10.29 9.13 15.45
N LEU A 241 9.09 9.69 15.59
CA LEU A 241 8.90 11.10 15.94
C LEU A 241 7.95 11.22 17.14
N THR A 242 8.14 12.26 17.94
CA THR A 242 7.19 12.58 19.01
C THR A 242 6.62 14.00 18.85
N LEU A 243 5.53 14.28 19.54
CA LEU A 243 5.01 15.63 19.62
C LEU A 243 5.74 16.44 20.70
N GLY A 244 6.69 15.85 21.41
CA GLY A 244 7.43 16.57 22.45
C GLY A 244 8.90 16.21 22.54
N THR A 245 9.30 15.69 23.69
CA THR A 245 10.68 15.31 23.95
C THR A 245 11.27 14.29 22.96
N THR A 246 12.59 14.22 22.93
CA THR A 246 13.34 13.25 22.14
C THR A 246 13.70 12.04 23.01
N GLN A 247 13.49 12.17 24.31
CA GLN A 247 13.85 11.14 25.30
C GLN A 247 12.74 10.12 25.58
N THR A 248 13.16 8.88 25.84
CA THR A 248 12.26 7.76 26.10
C THR A 248 12.78 6.94 27.28
N ARG A 249 11.94 6.12 27.90
CA ARG A 249 12.40 5.13 28.88
C ARG A 249 11.63 3.83 28.59
N VAL A 250 12.08 2.72 29.19
CA VAL A 250 11.48 1.41 29.01
C VAL A 250 10.61 1.06 30.22
N LEU A 251 9.40 0.55 29.99
CA LEU A 251 8.47 0.25 31.07
C LEU A 251 8.93 -0.97 31.87
N ALA A 252 8.24 -1.29 32.97
CA ALA A 252 8.66 -2.41 33.84
C ALA A 252 8.46 -3.77 33.18
N ASP A 253 7.74 -3.79 32.07
CA ASP A 253 7.62 -5.03 31.31
C ASP A 253 8.93 -5.37 30.56
N ASP A 254 9.94 -4.49 30.68
CA ASP A 254 11.25 -4.67 30.03
C ASP A 254 11.29 -4.51 28.51
N TRP A 255 10.18 -4.11 27.90
CA TRP A 255 10.10 -3.96 26.45
C TRP A 255 9.53 -2.64 26.02
N THR A 256 8.34 -2.32 26.53
CA THR A 256 7.58 -1.20 26.01
C THR A 256 8.34 0.11 26.18
N VAL A 257 8.54 0.82 25.07
CA VAL A 257 9.27 2.08 25.11
C VAL A 257 8.27 3.25 25.05
N VAL A 258 8.36 4.17 26.03
CA VAL A 258 7.46 5.35 26.08
C VAL A 258 8.21 6.69 26.09
N THR A 259 7.60 7.73 25.53
CA THR A 259 8.12 9.10 25.73
C THR A 259 8.13 9.45 27.24
N THR A 260 9.21 10.11 27.69
CA THR A 260 9.33 10.55 29.07
C THR A 260 8.32 11.64 29.47
N ASP A 261 7.79 12.40 28.50
CA ASP A 261 6.89 13.52 28.84
C ASP A 261 5.42 13.15 28.65
N GLY A 262 5.16 11.95 28.16
CA GLY A 262 3.78 11.53 27.86
C GLY A 262 3.24 11.99 26.52
N SER A 263 4.05 12.66 25.71
CA SER A 263 3.61 13.04 24.36
C SER A 263 3.47 11.79 23.46
N ARG A 264 2.57 11.85 22.48
CA ARG A 264 2.37 10.73 21.56
C ARG A 264 3.51 10.62 20.54
N ALA A 265 3.68 9.42 19.97
CA ALA A 265 4.78 9.15 19.06
C ALA A 265 4.30 8.31 17.89
N ALA A 266 4.99 8.41 16.75
CA ALA A 266 4.66 7.57 15.58
C ALA A 266 5.91 6.90 15.04
N HIS A 267 5.70 5.89 14.20
CA HIS A 267 6.76 4.98 13.73
C HIS A 267 6.33 4.45 12.37
N TRP A 268 7.15 4.67 11.35
CA TRP A 268 6.95 4.11 10.01
C TRP A 268 8.24 3.43 9.58
N GLU A 269 8.12 2.35 8.82
CA GLU A 269 9.32 1.65 8.39
C GLU A 269 9.10 0.86 7.13
N HIS A 270 10.13 0.81 6.31
CA HIS A 270 10.17 -0.13 5.21
C HIS A 270 11.56 -0.71 5.12
N THR A 271 11.65 -1.91 4.56
CA THR A 271 12.91 -2.50 4.13
C THR A 271 13.11 -2.09 2.66
N VAL A 272 14.28 -1.51 2.37
CA VAL A 272 14.47 -0.77 1.11
C VAL A 272 15.78 -1.15 0.46
N ALA A 273 15.75 -1.42 -0.85
CA ALA A 273 16.98 -1.75 -1.58
C ALA A 273 17.40 -0.59 -2.47
N VAL A 274 18.70 -0.39 -2.57
CA VAL A 274 19.27 0.51 -3.57
C VAL A 274 19.35 -0.27 -4.88
N THR A 275 18.82 0.28 -5.97
CA THR A 275 18.97 -0.37 -7.28
C THR A 275 19.45 0.62 -8.34
N GLU A 276 19.78 0.10 -9.51
CA GLU A 276 20.16 0.88 -10.69
C GLU A 276 19.06 1.84 -11.07
N ALA A 277 17.82 1.41 -10.87
CA ALA A 277 16.68 2.18 -11.28
C ALA A 277 16.07 3.01 -10.15
N GLY A 278 16.74 3.13 -9.01
CA GLY A 278 16.17 3.86 -7.89
C GLY A 278 15.78 2.97 -6.70
N PRO A 279 15.37 3.57 -5.58
CA PRO A 279 15.00 2.79 -4.39
C PRO A 279 13.81 1.84 -4.63
N ARG A 280 13.87 0.65 -4.06
CA ARG A 280 12.81 -0.37 -4.23
C ARG A 280 12.35 -0.77 -2.84
N ILE A 281 11.08 -0.54 -2.52
CA ILE A 281 10.49 -1.02 -1.29
C ILE A 281 10.28 -2.53 -1.40
N LEU A 282 10.95 -3.27 -0.51
CA LEU A 282 10.88 -4.73 -0.48
C LEU A 282 9.74 -5.21 0.40
N THR A 283 9.15 -4.31 1.19
CA THR A 283 8.02 -4.67 2.03
C THR A 283 6.75 -3.96 1.55
N MET A 284 6.39 -4.19 0.27
CA MET A 284 5.16 -3.61 -0.33
C MET A 284 3.92 -4.24 0.28
N ARG A 285 2.88 -3.41 0.44
CA ARG A 285 1.54 -3.83 0.86
C ARG A 285 0.72 -4.20 -0.37
N PRO A 286 -0.29 -5.08 -0.22
CA PRO A 286 -1.13 -5.53 -1.34
C PRO A 286 -1.81 -4.36 -2.06
N VAL B 23 -14.05 1.75 -37.85
CA VAL B 23 -13.22 2.27 -36.71
C VAL B 23 -12.46 1.08 -36.10
N GLY B 24 -11.24 1.34 -35.60
CA GLY B 24 -10.44 0.31 -34.91
C GLY B 24 -10.92 0.15 -33.47
N LEU B 25 -11.06 -1.09 -33.00
CA LEU B 25 -11.49 -1.36 -31.63
C LEU B 25 -10.54 -0.73 -30.62
N PHE B 26 -9.26 -0.84 -30.90
CA PHE B 26 -8.22 -0.42 -30.00
C PHE B 26 -7.62 0.94 -30.37
N GLY B 27 -8.30 1.79 -31.13
CA GLY B 27 -7.73 3.08 -31.43
C GLY B 27 -6.84 3.10 -32.66
N ARG B 28 -6.18 4.24 -32.83
CA ARG B 28 -5.63 4.72 -34.08
C ARG B 28 -4.11 4.56 -34.07
N LYS B 29 -3.51 4.57 -32.89
CA LYS B 29 -2.06 4.67 -32.74
C LYS B 29 -1.38 3.31 -32.70
N LYS B 30 -0.28 3.16 -33.46
CA LYS B 30 0.56 1.94 -33.42
C LYS B 30 1.15 1.62 -32.05
N THR B 31 1.42 2.65 -31.25
CA THR B 31 1.97 2.48 -29.91
C THR B 31 1.12 3.23 -28.90
N VAL B 32 0.92 2.61 -27.74
CA VAL B 32 0.24 3.27 -26.67
C VAL B 32 1.09 4.49 -26.27
N GLU B 33 0.48 5.68 -26.32
CA GLU B 33 1.11 6.97 -26.10
C GLU B 33 2.14 6.98 -24.96
N GLN B 34 3.35 7.42 -25.27
CA GLN B 34 4.45 7.35 -24.32
C GLN B 34 4.60 8.63 -23.55
N ARG B 35 4.53 8.54 -22.23
CA ARG B 35 4.78 9.68 -21.37
C ARG B 35 6.28 9.83 -21.16
N THR B 36 6.75 11.06 -21.07
CA THR B 36 8.12 11.30 -20.60
C THR B 36 8.25 10.99 -19.11
N PRO B 37 9.51 10.88 -18.60
CA PRO B 37 9.71 10.71 -17.17
C PRO B 37 9.01 11.78 -16.31
N GLY B 38 9.05 13.05 -16.69
CA GLY B 38 8.39 14.09 -15.87
C GLY B 38 6.87 13.95 -15.87
N GLU B 39 6.31 13.63 -17.03
CA GLU B 39 4.87 13.32 -17.13
C GLU B 39 4.47 12.15 -16.21
N LEU B 40 5.33 11.14 -16.14
CA LEU B 40 5.07 10.00 -15.28
C LEU B 40 5.06 10.38 -13.79
N ASP B 41 6.00 11.23 -13.38
CA ASP B 41 5.99 11.71 -12.02
C ASP B 41 4.76 12.54 -11.74
N ALA B 42 4.35 13.38 -12.70
CA ALA B 42 3.13 14.17 -12.54
C ALA B 42 1.89 13.24 -12.37
N MET B 43 1.80 12.20 -13.19
CA MET B 43 0.72 11.19 -13.04
C MET B 43 0.82 10.41 -11.71
N ALA B 44 2.04 10.07 -11.30
CA ALA B 44 2.23 9.40 -10.00
C ALA B 44 1.79 10.31 -8.85
N ALA B 45 2.05 11.62 -8.96
CA ALA B 45 1.55 12.55 -7.90
C ALA B 45 0.01 12.59 -7.83
N ALA B 46 -0.66 12.58 -8.97
CA ALA B 46 -2.13 12.43 -8.93
C ALA B 46 -2.48 11.07 -8.33
N GLY B 47 -1.75 10.05 -8.76
CA GLY B 47 -2.03 8.68 -8.34
C GLY B 47 -1.84 8.42 -6.83
N SER B 48 -0.87 9.08 -6.18
CA SER B 48 -0.72 8.90 -4.72
C SER B 48 -1.90 9.48 -3.96
N ILE B 49 -2.49 10.52 -4.53
CA ILE B 49 -3.68 11.10 -3.89
C ILE B 49 -4.83 10.08 -3.94
N VAL B 50 -5.05 9.45 -5.09
CA VAL B 50 -6.07 8.38 -5.20
C VAL B 50 -5.77 7.30 -4.15
N GLY B 51 -4.49 6.91 -4.10
CA GLY B 51 -3.99 5.94 -3.12
C GLY B 51 -4.34 6.33 -1.70
N ALA B 52 -4.00 7.57 -1.34
CA ALA B 52 -4.39 8.09 -0.02
C ALA B 52 -5.90 8.04 0.20
N ALA B 53 -6.71 8.32 -0.84
CA ALA B 53 -8.15 8.30 -0.70
C ALA B 53 -8.67 6.89 -0.42
N LEU B 54 -8.14 5.90 -1.13
CA LEU B 54 -8.56 4.51 -0.96
C LEU B 54 -8.31 3.98 0.47
N VAL B 55 -7.16 4.34 1.04
CA VAL B 55 -6.73 3.95 2.41
C VAL B 55 -7.69 4.59 3.44
N ALA B 56 -8.00 5.86 3.27
CA ALA B 56 -8.89 6.56 4.20
C ALA B 56 -10.32 5.98 4.17
N VAL B 57 -10.83 5.70 2.97
CA VAL B 57 -12.13 5.07 2.84
C VAL B 57 -12.15 3.69 3.51
N ARG B 58 -11.14 2.85 3.24
CA ARG B 58 -11.05 1.53 3.85
C ARG B 58 -11.01 1.62 5.39
N ASP B 59 -10.28 2.58 5.95
CA ASP B 59 -10.25 2.77 7.41
C ASP B 59 -11.64 3.08 7.92
N ALA B 60 -12.37 3.93 7.19
CA ALA B 60 -13.67 4.44 7.62
C ALA B 60 -14.79 3.43 7.40
N ALA B 61 -14.54 2.43 6.57
CA ALA B 61 -15.57 1.47 6.16
C ALA B 61 -15.90 0.34 7.17
N LYS B 62 -16.48 0.68 8.32
CA LYS B 62 -16.88 -0.33 9.34
C LYS B 62 -18.38 -0.62 9.25
N ALA B 63 -18.83 -1.64 9.98
CA ALA B 63 -20.23 -2.04 9.95
C ALA B 63 -21.05 -0.87 10.45
N GLY B 64 -22.17 -0.57 9.82
CA GLY B 64 -23.01 0.55 10.26
C GLY B 64 -22.72 1.88 9.57
N VAL B 65 -21.58 1.99 8.89
CA VAL B 65 -21.26 3.21 8.13
C VAL B 65 -21.92 3.18 6.73
N SER B 66 -22.42 4.33 6.25
CA SER B 66 -23.01 4.41 4.91
C SER B 66 -21.98 4.70 3.81
N THR B 67 -22.29 4.26 2.59
CA THR B 67 -21.39 4.54 1.48
C THR B 67 -21.26 6.04 1.19
N LEU B 68 -22.29 6.85 1.51
CA LEU B 68 -22.18 8.30 1.35
C LEU B 68 -21.14 8.89 2.30
N GLU B 69 -21.05 8.35 3.52
CA GLU B 69 -20.02 8.81 4.44
C GLU B 69 -18.64 8.52 3.84
N LEU B 70 -18.49 7.36 3.21
CA LEU B 70 -17.24 6.99 2.55
C LEU B 70 -16.89 7.96 1.44
N ASP B 71 -17.91 8.33 0.66
CA ASP B 71 -17.74 9.32 -0.40
C ASP B 71 -17.20 10.64 0.14
N GLN B 72 -17.74 11.09 1.27
CA GLN B 72 -17.29 12.34 1.91
C GLN B 72 -15.84 12.22 2.34
N VAL B 73 -15.50 11.08 2.92
CA VAL B 73 -14.13 10.81 3.32
C VAL B 73 -13.20 10.92 2.12
N ALA B 74 -13.54 10.28 1.00
CA ALA B 74 -12.64 10.29 -0.19
C ALA B 74 -12.50 11.70 -0.78
N GLU B 75 -13.64 12.35 -0.98
CA GLU B 75 -13.67 13.70 -1.55
C GLU B 75 -12.80 14.69 -0.74
N SER B 76 -12.89 14.60 0.58
CA SER B 76 -12.13 15.47 1.47
C SER B 76 -10.63 15.25 1.32
N VAL B 77 -10.20 13.98 1.27
CA VAL B 77 -8.77 13.66 1.09
C VAL B 77 -8.29 14.24 -0.26
N ILE B 78 -9.09 14.04 -1.29
CA ILE B 78 -8.72 14.47 -2.62
C ILE B 78 -8.52 15.98 -2.63
N ARG B 79 -9.48 16.72 -2.09
CA ARG B 79 -9.41 18.18 -2.14
C ARG B 79 -8.34 18.73 -1.23
N GLU B 80 -8.18 18.17 -0.04
CA GLU B 80 -7.17 18.70 0.88
C GLU B 80 -5.76 18.53 0.29
N ALA B 81 -5.56 17.52 -0.57
CA ALA B 81 -4.28 17.35 -1.26
C ALA B 81 -4.13 18.27 -2.50
N GLY B 82 -5.13 19.09 -2.77
CA GLY B 82 -5.07 20.05 -3.88
C GLY B 82 -5.54 19.49 -5.21
N ALA B 83 -6.16 18.30 -5.20
CA ALA B 83 -6.62 17.65 -6.43
C ALA B 83 -8.14 17.81 -6.61
N VAL B 84 -8.66 17.40 -7.75
CA VAL B 84 -10.11 17.29 -7.90
C VAL B 84 -10.54 15.84 -8.14
N PRO B 85 -11.70 15.44 -7.59
CA PRO B 85 -12.13 14.07 -7.87
C PRO B 85 -12.62 13.98 -9.31
N SER B 86 -12.00 13.12 -10.12
CA SER B 86 -12.37 13.02 -11.54
C SER B 86 -13.72 12.35 -11.78
N PHE B 87 -14.24 11.58 -10.82
CA PHE B 87 -15.53 10.92 -11.03
C PHE B 87 -16.71 11.92 -10.88
N LEU B 88 -16.48 13.01 -10.14
CA LEU B 88 -17.56 13.91 -9.77
C LEU B 88 -18.12 14.68 -10.97
N GLY B 89 -19.36 14.38 -11.34
CA GLY B 89 -20.03 15.02 -12.50
C GLY B 89 -19.59 14.40 -13.82
N TYR B 90 -18.79 13.34 -13.75
CA TYR B 90 -18.31 12.66 -14.94
C TYR B 90 -19.48 11.96 -15.68
N HIS B 91 -19.86 12.49 -16.85
CA HIS B 91 -21.09 12.08 -17.55
C HIS B 91 -22.24 11.99 -16.61
N GLY B 92 -22.36 12.96 -15.71
CA GLY B 92 -23.47 12.95 -14.77
C GLY B 92 -23.29 12.15 -13.49
N PHE B 93 -22.20 11.41 -13.33
CA PHE B 93 -21.99 10.64 -12.08
C PHE B 93 -22.03 11.54 -10.81
N PRO B 94 -22.74 11.13 -9.73
CA PRO B 94 -22.98 12.12 -8.65
C PRO B 94 -21.97 12.15 -7.50
N ALA B 95 -20.91 11.36 -7.57
CA ALA B 95 -20.04 11.25 -6.42
C ALA B 95 -18.55 11.15 -6.83
N SER B 96 -17.66 11.13 -5.82
CA SER B 96 -16.20 11.06 -5.99
C SER B 96 -15.62 9.64 -6.01
N ILE B 97 -16.43 8.64 -5.63
CA ILE B 97 -16.06 7.23 -5.70
C ILE B 97 -17.27 6.42 -6.20
N CYS B 98 -16.99 5.22 -6.72
CA CYS B 98 -17.99 4.19 -6.88
C CYS B 98 -17.81 3.26 -5.68
N SER B 99 -18.93 2.82 -5.09
CA SER B 99 -18.91 1.98 -3.92
C SER B 99 -19.93 0.86 -4.25
N SER B 100 -19.36 -0.30 -4.59
CA SER B 100 -20.11 -1.43 -5.15
C SER B 100 -19.98 -2.53 -4.12
N VAL B 101 -21.12 -2.99 -3.63
CA VAL B 101 -21.13 -3.94 -2.51
C VAL B 101 -21.59 -5.32 -2.99
N ASN B 102 -20.89 -6.38 -2.59
CA ASN B 102 -21.35 -7.76 -2.89
C ASN B 102 -21.54 -8.11 -4.38
N ASP B 103 -22.80 -8.34 -4.79
CA ASP B 103 -23.08 -8.69 -6.18
C ASP B 103 -23.01 -7.48 -7.12
N GLN B 104 -22.89 -6.30 -6.55
CA GLN B 104 -22.60 -5.10 -7.37
C GLN B 104 -21.14 -5.16 -7.84
N VAL B 105 -20.91 -4.93 -9.13
CA VAL B 105 -19.59 -5.12 -9.72
C VAL B 105 -18.85 -3.78 -9.77
N VAL B 106 -19.37 -2.83 -10.53
CA VAL B 106 -18.77 -1.49 -10.64
C VAL B 106 -19.86 -0.41 -10.66
N HIS B 107 -19.46 0.85 -10.49
CA HIS B 107 -20.33 2.05 -10.63
C HIS B 107 -21.44 2.19 -9.60
N GLY B 108 -21.35 1.48 -8.47
CA GLY B 108 -22.27 1.68 -7.34
C GLY B 108 -22.28 3.15 -6.89
N ILE B 109 -23.47 3.70 -6.66
CA ILE B 109 -23.61 5.11 -6.28
C ILE B 109 -23.62 5.26 -4.74
N PRO B 110 -22.69 6.06 -4.18
CA PRO B 110 -22.73 6.24 -2.72
C PRO B 110 -24.07 6.81 -2.26
N SER B 111 -24.58 6.31 -1.13
CA SER B 111 -25.85 6.81 -0.58
C SER B 111 -25.98 6.59 0.92
N ALA B 112 -26.82 7.42 1.54
CA ALA B 112 -27.14 7.33 2.99
C ALA B 112 -27.92 6.05 3.32
N THR B 113 -28.48 5.44 2.28
CA THR B 113 -29.28 4.22 2.35
C THR B 113 -28.44 2.96 2.43
N ALA B 114 -27.27 2.96 1.77
CA ALA B 114 -26.43 1.74 1.65
C ALA B 114 -25.50 1.62 2.84
N VAL B 115 -25.93 0.87 3.83
CA VAL B 115 -25.24 0.84 5.09
C VAL B 115 -24.49 -0.49 5.20
N LEU B 116 -23.19 -0.42 5.41
CA LEU B 116 -22.37 -1.62 5.48
C LEU B 116 -22.70 -2.52 6.67
N ALA B 117 -22.69 -3.82 6.42
CA ALA B 117 -22.91 -4.82 7.43
C ALA B 117 -21.75 -5.79 7.44
N ASP B 118 -21.55 -6.42 8.62
CA ASP B 118 -20.57 -7.47 8.79
C ASP B 118 -20.73 -8.55 7.73
N GLY B 119 -19.63 -8.95 7.09
CA GLY B 119 -19.69 -9.92 6.01
C GLY B 119 -19.77 -9.37 4.58
N ASP B 120 -20.01 -8.08 4.43
CA ASP B 120 -20.03 -7.46 3.08
C ASP B 120 -18.67 -7.45 2.34
N LEU B 121 -18.73 -7.62 1.03
CA LEU B 121 -17.58 -7.42 0.17
C LEU B 121 -17.73 -6.07 -0.49
N VAL B 122 -16.76 -5.18 -0.23
CA VAL B 122 -16.83 -3.79 -0.67
C VAL B 122 -15.72 -3.51 -1.70
N SER B 123 -16.13 -3.03 -2.87
CA SER B 123 -15.18 -2.50 -3.85
C SER B 123 -15.30 -0.98 -3.91
N ILE B 124 -14.15 -0.31 -3.74
CA ILE B 124 -14.06 1.13 -3.87
C ILE B 124 -13.19 1.50 -5.08
N ASP B 125 -13.76 2.33 -5.95
CA ASP B 125 -13.12 2.77 -7.17
C ASP B 125 -13.01 4.31 -7.08
N CYS B 126 -11.87 4.88 -7.45
CA CYS B 126 -11.65 6.31 -7.21
C CYS B 126 -10.69 6.92 -8.26
N GLY B 127 -10.87 8.19 -8.58
CA GLY B 127 -9.95 8.84 -9.51
C GLY B 127 -9.70 10.26 -9.07
N ALA B 128 -8.58 10.81 -9.47
CA ALA B 128 -8.27 12.19 -9.13
C ALA B 128 -7.48 12.84 -10.24
N ILE B 129 -7.61 14.16 -10.34
CA ILE B 129 -6.86 14.95 -11.32
C ILE B 129 -6.03 15.96 -10.53
N LEU B 130 -4.74 16.02 -10.81
CA LEU B 130 -3.83 17.01 -10.18
C LEU B 130 -3.03 17.62 -11.33
N ASP B 131 -3.16 18.95 -11.51
CA ASP B 131 -2.43 19.65 -12.58
C ASP B 131 -2.75 19.08 -13.95
N GLY B 132 -3.99 18.66 -14.15
CA GLY B 132 -4.42 18.12 -15.45
C GLY B 132 -4.11 16.64 -15.72
N TRP B 133 -3.50 15.96 -14.74
CA TRP B 133 -3.15 14.55 -14.89
C TRP B 133 -3.99 13.64 -14.03
N HIS B 134 -4.40 12.51 -14.60
CA HIS B 134 -5.28 11.54 -13.98
C HIS B 134 -4.57 10.38 -13.31
N GLY B 135 -5.15 9.92 -12.20
CA GLY B 135 -4.86 8.58 -11.62
C GLY B 135 -6.21 7.85 -11.41
N ASP B 136 -6.23 6.53 -11.53
CA ASP B 136 -7.47 5.73 -11.38
C ASP B 136 -7.06 4.41 -10.72
N SER B 137 -7.73 4.03 -9.64
CA SER B 137 -7.35 2.84 -8.91
C SER B 137 -8.55 2.37 -8.16
N ALA B 138 -8.52 1.10 -7.76
CA ALA B 138 -9.65 0.49 -7.06
C ALA B 138 -9.14 -0.72 -6.29
N TRP B 139 -9.86 -1.10 -5.24
CA TRP B 139 -9.63 -2.40 -4.57
C TRP B 139 -10.87 -2.87 -3.86
N THR B 140 -10.83 -4.12 -3.36
CA THR B 140 -11.95 -4.78 -2.73
C THR B 140 -11.45 -5.31 -1.40
N PHE B 141 -12.24 -5.12 -0.33
CA PHE B 141 -11.91 -5.60 1.02
C PHE B 141 -13.22 -6.04 1.68
N ALA B 142 -13.11 -6.75 2.80
CA ALA B 142 -14.27 -7.26 3.51
C ALA B 142 -14.60 -6.35 4.68
N VAL B 143 -15.88 -6.21 4.99
CA VAL B 143 -16.32 -5.63 6.27
C VAL B 143 -16.48 -6.75 7.33
N GLY B 144 -15.83 -6.57 8.48
CA GLY B 144 -15.91 -7.58 9.53
C GLY B 144 -15.17 -8.82 9.13
N THR B 145 -15.77 -9.98 9.35
CA THR B 145 -15.12 -11.25 9.01
C THR B 145 -15.61 -11.74 7.64
N VAL B 146 -14.65 -12.00 6.77
CA VAL B 146 -14.87 -12.36 5.39
C VAL B 146 -15.27 -13.81 5.23
N ILE B 147 -16.22 -14.06 4.33
CA ILE B 147 -16.58 -15.43 3.90
C ILE B 147 -15.43 -16.02 3.07
N PRO B 148 -15.05 -17.29 3.30
CA PRO B 148 -13.92 -17.86 2.54
C PRO B 148 -14.01 -17.71 1.02
N SER B 149 -15.19 -17.90 0.44
CA SER B 149 -15.36 -17.74 -0.99
C SER B 149 -15.03 -16.31 -1.44
N ASP B 150 -15.43 -15.31 -0.65
CA ASP B 150 -15.21 -13.90 -0.94
C ASP B 150 -13.74 -13.54 -0.85
N GLU B 151 -13.07 -14.06 0.18
CA GLU B 151 -11.63 -13.90 0.34
C GLU B 151 -10.88 -14.43 -0.86
N ALA B 152 -11.25 -15.62 -1.34
CA ALA B 152 -10.62 -16.19 -2.52
C ALA B 152 -10.96 -15.35 -3.77
N LEU B 153 -12.20 -14.91 -3.91
CA LEU B 153 -12.60 -14.12 -5.08
C LEU B 153 -11.73 -12.83 -5.22
N SER B 154 -11.58 -12.10 -4.13
CA SER B 154 -10.90 -10.82 -4.13
C SER B 154 -9.41 -11.00 -4.36
N GLU B 155 -8.83 -11.97 -3.65
CA GLU B 155 -7.42 -12.28 -3.84
C GLU B 155 -7.12 -12.75 -5.30
N ALA B 156 -8.02 -13.55 -5.87
CA ALA B 156 -7.89 -13.95 -7.27
C ALA B 156 -7.92 -12.73 -8.22
N THR B 157 -8.75 -11.75 -7.89
CA THR B 157 -8.88 -10.56 -8.73
C THR B 157 -7.57 -9.77 -8.61
N ARG B 158 -7.06 -9.66 -7.38
CA ARG B 158 -5.82 -8.92 -7.10
C ARG B 158 -4.65 -9.56 -7.85
N LEU B 159 -4.60 -10.90 -7.84
CA LEU B 159 -3.54 -11.64 -8.51
C LEU B 159 -3.65 -11.52 -10.01
N SER B 160 -4.87 -11.46 -10.52
CA SER B 160 -5.03 -11.29 -11.94
C SER B 160 -4.46 -9.90 -12.34
N MET B 161 -4.74 -8.88 -11.53
CA MET B 161 -4.15 -7.53 -11.72
C MET B 161 -2.63 -7.60 -11.77
N GLU B 162 -2.03 -8.27 -10.76
CA GLU B 162 -0.57 -8.39 -10.67
C GLU B 162 0.00 -9.14 -11.88
N ALA B 163 -0.72 -10.16 -12.33
CA ALA B 163 -0.33 -10.87 -13.55
C ALA B 163 -0.33 -9.91 -14.77
N GLY B 164 -1.35 -9.06 -14.87
CA GLY B 164 -1.41 -8.07 -15.94
C GLY B 164 -0.27 -7.08 -15.84
N ILE B 165 -0.01 -6.58 -14.62
CA ILE B 165 1.03 -5.60 -14.40
C ILE B 165 2.40 -6.17 -14.81
N ALA B 166 2.67 -7.45 -14.49
CA ALA B 166 3.96 -8.04 -14.91
C ALA B 166 4.11 -8.13 -16.44
N ALA B 167 3.01 -8.07 -17.19
CA ALA B 167 3.12 -8.09 -18.65
C ALA B 167 3.35 -6.69 -19.25
N MET B 168 3.45 -5.67 -18.42
CA MET B 168 3.67 -4.30 -18.90
C MET B 168 5.15 -4.08 -19.19
N ILE B 169 5.61 -4.63 -20.31
CA ILE B 169 7.03 -4.55 -20.70
C ILE B 169 7.20 -4.00 -22.12
N PRO B 170 8.30 -3.26 -22.40
CA PRO B 170 8.47 -2.69 -23.73
C PRO B 170 8.45 -3.78 -24.79
N GLY B 171 7.79 -3.54 -25.92
CA GLY B 171 7.71 -4.56 -26.94
C GLY B 171 6.55 -5.54 -26.85
N ASN B 172 5.88 -5.68 -25.70
CA ASN B 172 4.65 -6.48 -25.65
C ASN B 172 3.57 -5.74 -26.40
N ARG B 173 2.49 -6.46 -26.75
CA ARG B 173 1.31 -5.80 -27.32
C ARG B 173 0.18 -5.74 -26.31
N LEU B 174 -0.80 -4.89 -26.59
CA LEU B 174 -1.91 -4.69 -25.66
C LEU B 174 -2.44 -6.01 -25.13
N THR B 175 -2.80 -6.95 -26.02
CA THR B 175 -3.51 -8.15 -25.54
C THR B 175 -2.58 -9.18 -24.92
N ASP B 176 -1.27 -8.94 -24.92
CA ASP B 176 -0.39 -9.74 -24.06
C ASP B 176 -0.76 -9.45 -22.61
N VAL B 177 -1.11 -8.19 -22.32
CA VAL B 177 -1.54 -7.82 -20.97
C VAL B 177 -2.89 -8.53 -20.71
N SER B 178 -3.85 -8.40 -21.63
CA SER B 178 -5.13 -9.12 -21.50
C SER B 178 -4.93 -10.62 -21.22
N HIS B 179 -4.17 -11.28 -22.09
CA HIS B 179 -3.89 -12.70 -21.95
C HIS B 179 -3.23 -13.04 -20.63
N ALA B 180 -2.29 -12.21 -20.17
CA ALA B 180 -1.64 -12.44 -18.88
C ALA B 180 -2.64 -12.34 -17.72
N ILE B 181 -3.57 -11.40 -17.82
CA ILE B 181 -4.58 -11.23 -16.78
C ILE B 181 -5.44 -12.51 -16.74
N GLU B 182 -5.90 -12.96 -17.90
CA GLU B 182 -6.69 -14.18 -18.03
C GLU B 182 -5.93 -15.39 -17.49
N LEU B 183 -4.66 -15.56 -17.87
CA LEU B 183 -3.85 -16.64 -17.30
C LEU B 183 -3.69 -16.52 -15.78
N GLY B 184 -3.52 -15.30 -15.28
CA GLY B 184 -3.55 -15.11 -13.82
C GLY B 184 -4.87 -15.56 -13.20
N THR B 185 -6.00 -15.29 -13.87
CA THR B 185 -7.29 -15.74 -13.36
C THR B 185 -7.32 -17.30 -13.30
N ARG B 186 -6.91 -17.97 -14.38
CA ARG B 186 -6.92 -19.43 -14.42
C ARG B 186 -6.00 -20.07 -13.37
N ALA B 187 -4.83 -19.49 -13.12
CA ALA B 187 -3.96 -20.02 -12.06
C ALA B 187 -4.62 -19.84 -10.70
N ALA B 188 -5.28 -18.71 -10.50
CA ALA B 188 -5.89 -18.46 -9.21
C ALA B 188 -7.06 -19.41 -8.96
N GLU B 189 -7.72 -19.85 -10.04
CA GLU B 189 -8.70 -20.93 -9.92
C GLU B 189 -8.07 -22.21 -9.32
N LYS B 190 -6.98 -22.69 -9.92
CA LYS B 190 -6.26 -23.86 -9.40
C LYS B 190 -5.81 -23.62 -7.94
N GLN B 191 -5.26 -22.44 -7.65
CA GLN B 191 -4.85 -22.13 -6.28
C GLN B 191 -5.97 -22.20 -5.24
N PHE B 192 -7.19 -21.82 -5.63
CA PHE B 192 -8.31 -21.77 -4.69
C PHE B 192 -9.36 -22.85 -4.89
N ASP B 193 -9.15 -23.69 -5.91
CA ASP B 193 -10.11 -24.72 -6.29
C ASP B 193 -11.56 -24.20 -6.45
N ARG B 194 -11.71 -23.03 -7.10
CA ARG B 194 -13.00 -22.42 -7.43
C ARG B 194 -12.97 -21.90 -8.87
N ALA B 195 -14.13 -21.92 -9.51
CA ALA B 195 -14.30 -21.30 -10.81
C ALA B 195 -14.62 -19.81 -10.62
N PHE B 196 -13.97 -18.95 -11.42
CA PHE B 196 -14.24 -17.52 -11.35
C PHE B 196 -14.77 -17.08 -12.69
N GLY B 197 -15.73 -16.16 -12.67
CA GLY B 197 -16.26 -15.63 -13.92
C GLY B 197 -15.50 -14.36 -14.26
N ILE B 198 -14.96 -14.29 -15.47
CA ILE B 198 -14.35 -13.06 -15.94
C ILE B 198 -15.47 -12.17 -16.45
N VAL B 199 -15.63 -11.00 -15.82
CA VAL B 199 -16.74 -10.12 -16.19
C VAL B 199 -16.70 -9.76 -17.69
N ASP B 200 -17.83 -9.97 -18.38
CA ASP B 200 -17.93 -9.79 -19.82
C ASP B 200 -18.27 -8.32 -20.13
N GLY B 201 -17.53 -7.69 -21.05
CA GLY B 201 -17.86 -6.33 -21.51
C GLY B 201 -17.36 -5.16 -20.66
N TYR B 202 -16.41 -5.39 -19.75
CA TYR B 202 -15.79 -4.26 -19.02
C TYR B 202 -14.30 -4.53 -19.02
N GLY B 203 -13.48 -3.48 -18.95
CA GLY B 203 -12.02 -3.64 -18.91
C GLY B 203 -11.28 -2.36 -18.57
N GLY B 204 -9.96 -2.40 -18.79
CA GLY B 204 -9.09 -1.26 -18.59
C GLY B 204 -9.06 -0.29 -19.75
N HIS B 205 -8.13 0.67 -19.68
CA HIS B 205 -8.06 1.74 -20.65
C HIS B 205 -6.81 2.54 -20.56
N GLY B 206 -6.52 3.29 -21.61
CA GLY B 206 -5.48 4.28 -21.53
C GLY B 206 -5.95 5.43 -20.66
N ILE B 207 -5.01 6.26 -20.22
CA ILE B 207 -5.27 7.32 -19.25
C ILE B 207 -4.09 8.28 -19.26
N GLY B 208 -4.32 9.56 -19.02
CA GLY B 208 -3.28 10.58 -19.04
C GLY B 208 -3.93 11.90 -18.69
N ARG B 209 -4.12 12.75 -19.70
CA ARG B 209 -4.79 14.06 -19.59
C ARG B 209 -6.32 13.92 -19.50
N SER B 210 -6.83 12.72 -19.76
CA SER B 210 -8.22 12.39 -19.52
C SER B 210 -8.27 11.03 -18.82
N MET B 211 -9.39 10.74 -18.14
CA MET B 211 -9.58 9.49 -17.44
C MET B 211 -9.62 8.27 -18.35
N HIS B 212 -10.39 8.35 -19.44
CA HIS B 212 -10.61 7.20 -20.35
C HIS B 212 -10.08 7.53 -21.71
N LEU B 213 -9.06 6.81 -22.15
CA LEU B 213 -8.52 7.04 -23.49
C LEU B 213 -8.37 5.68 -24.20
N ASP B 214 -8.40 5.64 -25.54
CA ASP B 214 -7.94 4.42 -26.25
C ASP B 214 -6.51 4.08 -25.81
N PRO B 215 -6.15 2.79 -25.75
CA PRO B 215 -7.01 1.64 -26.09
C PRO B 215 -7.81 1.12 -24.91
N PHE B 216 -8.99 0.58 -25.22
CA PHE B 216 -9.66 -0.33 -24.29
C PHE B 216 -8.74 -1.54 -24.03
N LEU B 217 -8.58 -1.96 -22.76
CA LEU B 217 -7.77 -3.11 -22.35
C LEU B 217 -8.65 -4.28 -21.86
N PRO B 218 -8.83 -5.34 -22.70
CA PRO B 218 -9.63 -6.47 -22.20
C PRO B 218 -8.96 -7.25 -21.08
N ASN B 219 -9.76 -7.94 -20.25
CA ASN B 219 -9.22 -8.73 -19.18
C ASN B 219 -9.04 -10.19 -19.59
N GLU B 220 -9.15 -10.47 -20.89
CA GLU B 220 -9.03 -11.83 -21.45
C GLU B 220 -8.89 -11.74 -22.95
N GLY B 221 -8.37 -12.79 -23.58
CA GLY B 221 -8.29 -12.82 -25.06
C GLY B 221 -6.95 -13.40 -25.51
N ALA B 222 -6.83 -13.63 -26.81
CA ALA B 222 -5.63 -14.22 -27.41
C ALA B 222 -4.49 -13.21 -27.29
N PRO B 223 -3.26 -13.67 -27.01
CA PRO B 223 -2.13 -12.72 -26.91
C PRO B 223 -1.76 -12.02 -28.25
N GLY B 224 -0.86 -11.02 -28.19
CA GLY B 224 -0.25 -10.42 -29.39
C GLY B 224 -1.08 -9.54 -30.32
N LYS B 225 -2.14 -8.91 -29.83
CA LYS B 225 -2.88 -7.99 -30.72
C LYS B 225 -2.96 -6.59 -30.11
N GLY B 226 -3.46 -5.66 -30.93
CA GLY B 226 -3.62 -4.25 -30.55
C GLY B 226 -2.27 -3.54 -30.49
N PRO B 227 -2.26 -2.26 -30.03
CA PRO B 227 -1.02 -1.48 -30.18
C PRO B 227 0.14 -2.01 -29.35
N LEU B 228 1.34 -1.61 -29.70
CA LEU B 228 2.54 -1.97 -28.90
C LEU B 228 2.66 -1.17 -27.62
N LEU B 229 3.28 -1.75 -26.60
CA LEU B 229 3.75 -1.02 -25.43
C LEU B 229 5.20 -0.58 -25.59
N ALA B 230 5.52 0.62 -25.11
CA ALA B 230 6.90 1.05 -25.09
C ALA B 230 7.17 1.84 -23.79
N VAL B 231 8.43 2.25 -23.59
CA VAL B 231 8.80 2.92 -22.32
C VAL B 231 7.93 4.17 -22.22
N GLY B 232 7.24 4.31 -21.10
CA GLY B 232 6.35 5.45 -20.89
C GLY B 232 4.88 5.21 -21.19
N SER B 233 4.57 4.10 -21.85
CA SER B 233 3.18 3.74 -22.12
C SER B 233 2.46 3.48 -20.80
N VAL B 234 1.28 4.10 -20.64
CA VAL B 234 0.49 3.89 -19.42
C VAL B 234 -0.85 3.21 -19.70
N LEU B 235 -1.26 2.26 -18.86
CA LEU B 235 -2.64 1.74 -18.93
C LEU B 235 -3.21 1.59 -17.51
N ALA B 236 -4.53 1.75 -17.40
CA ALA B 236 -5.25 1.39 -16.17
C ALA B 236 -5.67 -0.05 -16.33
N ILE B 237 -5.17 -0.89 -15.41
CA ILE B 237 -5.36 -2.33 -15.48
C ILE B 237 -6.35 -2.71 -14.41
N GLU B 238 -7.48 -3.27 -14.81
CA GLU B 238 -8.60 -3.50 -13.87
C GLU B 238 -9.45 -4.76 -14.11
N PRO B 239 -8.95 -5.89 -13.60
CA PRO B 239 -9.67 -7.14 -13.62
C PRO B 239 -10.93 -7.07 -12.77
N MET B 240 -11.96 -7.77 -13.23
CA MET B 240 -13.21 -7.86 -12.50
C MET B 240 -13.60 -9.33 -12.57
N LEU B 241 -13.88 -9.93 -11.41
CA LEU B 241 -14.19 -11.35 -11.33
C LEU B 241 -15.48 -11.60 -10.57
N THR B 242 -16.17 -12.70 -10.88
CA THR B 242 -17.31 -13.14 -10.08
C THR B 242 -17.16 -14.57 -9.54
N LEU B 243 -17.97 -14.91 -8.54
CA LEU B 243 -18.09 -16.29 -8.10
C LEU B 243 -19.04 -17.11 -9.02
N GLY B 244 -19.67 -16.48 -10.01
CA GLY B 244 -20.57 -17.23 -10.92
C GLY B 244 -20.50 -16.83 -12.39
N THR B 245 -21.60 -16.31 -12.92
CA THR B 245 -21.71 -15.89 -14.33
C THR B 245 -20.70 -14.80 -14.77
N THR B 246 -20.47 -14.70 -16.09
CA THR B 246 -19.67 -13.61 -16.66
C THR B 246 -20.56 -12.41 -17.02
N GLN B 247 -21.86 -12.66 -17.02
CA GLN B 247 -22.86 -11.65 -17.44
C GLN B 247 -23.30 -10.69 -16.32
N THR B 248 -23.60 -9.45 -16.71
CA THR B 248 -24.00 -8.41 -15.78
C THR B 248 -25.16 -7.63 -16.38
N ARG B 249 -25.89 -6.86 -15.56
CA ARG B 249 -26.87 -5.89 -16.11
C ARG B 249 -26.77 -4.62 -15.26
N VAL B 250 -27.37 -3.53 -15.75
CA VAL B 250 -27.32 -2.24 -15.07
C VAL B 250 -28.65 -1.95 -14.35
N LEU B 251 -28.58 -1.48 -13.11
CA LEU B 251 -29.77 -1.26 -12.29
C LEU B 251 -30.59 -0.07 -12.81
N ALA B 252 -31.79 0.14 -12.23
CA ALA B 252 -32.67 1.23 -12.67
C ALA B 252 -32.10 2.61 -12.34
N ASP B 253 -31.08 2.66 -11.47
CA ASP B 253 -30.40 3.93 -11.20
C ASP B 253 -29.51 4.39 -12.37
N ASP B 254 -29.49 3.57 -13.45
CA ASP B 254 -28.70 3.82 -14.67
C ASP B 254 -27.17 3.72 -14.52
N TRP B 255 -26.68 3.24 -13.38
CA TRP B 255 -25.23 3.18 -13.15
C TRP B 255 -24.79 1.88 -12.58
N THR B 256 -25.42 1.47 -11.49
CA THR B 256 -24.96 0.30 -10.74
C THR B 256 -24.97 -0.97 -11.57
N VAL B 257 -23.83 -1.63 -11.66
CA VAL B 257 -23.71 -2.84 -12.46
C VAL B 257 -23.69 -4.07 -11.53
N VAL B 258 -24.56 -5.05 -11.79
CA VAL B 258 -24.65 -6.24 -10.92
C VAL B 258 -24.52 -7.53 -11.74
N THR B 259 -24.03 -8.59 -11.10
CA THR B 259 -24.09 -9.91 -11.72
C THR B 259 -25.56 -10.36 -11.94
N THR B 260 -25.84 -10.96 -13.10
CA THR B 260 -27.18 -11.43 -13.41
C THR B 260 -27.63 -12.60 -12.53
N ASP B 261 -26.70 -13.30 -11.87
CA ASP B 261 -27.10 -14.47 -11.08
C ASP B 261 -27.07 -14.18 -9.58
N GLY B 262 -26.70 -12.96 -9.20
CA GLY B 262 -26.58 -12.65 -7.77
C GLY B 262 -25.29 -13.09 -7.11
N SER B 263 -24.37 -13.68 -7.86
CA SER B 263 -23.08 -14.03 -7.27
C SER B 263 -22.26 -12.77 -6.98
N ARG B 264 -21.44 -12.80 -5.93
CA ARG B 264 -20.58 -11.67 -5.57
C ARG B 264 -19.43 -11.47 -6.56
N ALA B 265 -18.93 -10.24 -6.57
CA ALA B 265 -17.91 -9.82 -7.53
C ALA B 265 -16.83 -8.97 -6.86
N ALA B 266 -15.62 -8.99 -7.42
CA ALA B 266 -14.55 -8.12 -6.94
C ALA B 266 -13.91 -7.35 -8.09
N HIS B 267 -13.14 -6.32 -7.72
CA HIS B 267 -12.57 -5.35 -8.65
C HIS B 267 -11.32 -4.78 -8.03
N TRP B 268 -10.20 -4.88 -8.75
CA TRP B 268 -8.92 -4.27 -8.37
C TRP B 268 -8.39 -3.50 -9.55
N GLU B 269 -7.73 -2.38 -9.31
CA GLU B 269 -7.15 -1.60 -10.39
C GLU B 269 -5.98 -0.77 -9.95
N HIS B 270 -4.99 -0.63 -10.85
CA HIS B 270 -3.93 0.36 -10.75
C HIS B 270 -3.72 1.04 -12.08
N THR B 271 -3.23 2.27 -12.04
CA THR B 271 -2.69 2.95 -13.21
C THR B 271 -1.21 2.60 -13.25
N VAL B 272 -0.76 2.07 -14.40
CA VAL B 272 0.55 1.38 -14.48
C VAL B 272 1.36 1.86 -15.66
N ALA B 273 2.63 2.19 -15.45
CA ALA B 273 3.51 2.59 -16.57
C ALA B 273 4.48 1.48 -16.96
N VAL B 274 4.74 1.38 -18.25
CA VAL B 274 5.87 0.59 -18.73
C VAL B 274 7.15 1.43 -18.60
N THR B 275 8.18 0.91 -17.94
CA THR B 275 9.49 1.62 -17.91
C THR B 275 10.65 0.70 -18.31
N GLU B 276 11.84 1.28 -18.53
CA GLU B 276 13.08 0.53 -18.79
C GLU B 276 13.35 -0.47 -17.69
N ALA B 277 12.94 -0.13 -16.47
CA ALA B 277 13.24 -0.93 -15.30
C ALA B 277 12.08 -1.82 -14.83
N GLY B 278 11.01 -1.92 -15.60
CA GLY B 278 9.91 -2.75 -15.18
C GLY B 278 8.64 -1.94 -14.92
N PRO B 279 7.52 -2.62 -14.68
CA PRO B 279 6.26 -1.90 -14.49
C PRO B 279 6.31 -0.99 -13.24
N ARG B 280 5.67 0.20 -13.33
CA ARG B 280 5.69 1.15 -12.24
C ARG B 280 4.23 1.47 -11.92
N ILE B 281 3.80 1.16 -10.70
CA ILE B 281 2.47 1.53 -10.24
C ILE B 281 2.47 3.03 -9.98
N LEU B 282 1.60 3.75 -10.67
CA LEU B 282 1.51 5.22 -10.52
C LEU B 282 0.48 5.62 -9.46
N THR B 283 -0.34 4.66 -9.01
CA THR B 283 -1.36 4.91 -8.00
C THR B 283 -0.99 4.15 -6.72
N MET B 284 0.23 4.41 -6.19
CA MET B 284 0.72 3.79 -4.95
C MET B 284 -0.06 4.31 -3.77
N ARG B 285 -0.30 3.44 -2.80
CA ARG B 285 -0.90 3.77 -1.51
C ARG B 285 0.18 4.15 -0.50
N PRO B 286 -0.12 4.97 0.52
CA PRO B 286 0.90 5.43 1.49
C PRO B 286 1.57 4.28 2.22
#